data_7LZZ
#
_entry.id   7LZZ
#
_cell.length_a   114.105
_cell.length_b   53.102
_cell.length_c   46.274
_cell.angle_alpha   90.000
_cell.angle_beta   102.550
_cell.angle_gamma   90.000
#
_symmetry.space_group_name_H-M   'C 1 2 1'
#
loop_
_entity.id
_entity.type
_entity.pdbx_description
1 polymer '3C-like proteinase'
2 non-polymer '(1R,2S)-1-hydroxy-2-((S)-4-methyl-2-(((((1r,4S)-4-phenylcyclohexyl)oxy)carbonyl)amino)pentanamido)-3-((S)-2-oxopyrrolidin-3-yl)propane-1-sulfonic acid'
3 non-polymer '(1S,2S)-1-hydroxy-2-((S)-4-methyl-2-(((((1r,4S)-4-phenylcyclohexyl)oxy)carbonyl)amino)pentanamido)-3-((S)-2-oxopyrrolidin-3-yl)propane-1-sulfonic acid'
4 water water
#
_entity_poly.entity_id   1
_entity_poly.type   'polypeptide(L)'
_entity_poly.pdbx_seq_one_letter_code
;SNIGSGFRKMAFPSGKVEGCMVQVTCGTTTLNGLWLDDVVYCPRHVICTSEDMLNPNYEDLLIRKSNHNFLVQAGNVQLR
VIGHSMQNCVLKLKVDTANPKTPKYKFVRIQPGQTFSVLACYNGSPSGVYQCAMRPNFTIKGSFLNGSCGSVGFNIDYDC
VSFCYMHHMELPTGVHAGTDLEGNFYGPFVDRQTAQAAGTDTTITVNVLAWLYAAVINGDRWFLNRFTTTLNDFNLVAMK
YNYEPLTQDHVDILGPLSAQTGIAVLDMCASLKELLQNGMNGRTILGSALLEDEFTPFDVVRQCSGVTF
;
_entity_poly.pdbx_strand_id   A
#
loop_
_chem_comp.id
_chem_comp.type
_chem_comp.name
_chem_comp.formula
YMS non-polymer '(1R,2S)-1-hydroxy-2-((S)-4-methyl-2-(((((1r,4S)-4-phenylcyclohexyl)oxy)carbonyl)amino)pentanamido)-3-((S)-2-oxopyrrolidin-3-yl)propane-1-sulfonic acid' 'C26 H39 N3 O8 S'
YMV non-polymer '(1S,2S)-1-hydroxy-2-((S)-4-methyl-2-(((((1r,4S)-4-phenylcyclohexyl)oxy)carbonyl)amino)pentanamido)-3-((S)-2-oxopyrrolidin-3-yl)propane-1-sulfonic acid' 'C26 H39 N3 O8 S'
#
# COMPACT_ATOMS: atom_id res chain seq x y z
N PHE A 7 1.47 15.93 14.22
CA PHE A 7 0.99 15.22 13.04
C PHE A 7 2.03 14.25 12.48
N ARG A 8 1.68 12.96 12.44
CA ARG A 8 2.61 11.87 12.21
C ARG A 8 2.05 10.86 11.21
N LYS A 9 2.96 10.16 10.54
CA LYS A 9 2.59 9.05 9.66
C LYS A 9 2.20 7.85 10.54
N MET A 10 0.91 7.56 10.60
CA MET A 10 0.33 6.65 11.57
C MET A 10 -0.25 5.41 10.89
N ALA A 11 0.08 4.23 11.40
CA ALA A 11 -0.50 2.99 10.90
C ALA A 11 -1.67 2.58 11.80
N PHE A 12 -2.54 1.77 11.24
CA PHE A 12 -3.61 1.18 12.03
C PHE A 12 -3.01 0.19 13.01
N PRO A 13 -3.66 -0.05 14.14
CA PRO A 13 -3.22 -1.14 15.01
C PRO A 13 -3.22 -2.47 14.26
N SER A 14 -2.19 -3.28 14.48
CA SER A 14 -1.94 -4.45 13.64
C SER A 14 -2.44 -5.76 14.24
N GLY A 15 -3.03 -5.71 15.45
CA GLY A 15 -3.31 -6.95 16.16
C GLY A 15 -4.21 -7.91 15.40
N LYS A 16 -5.26 -7.38 14.78
CA LYS A 16 -6.18 -8.26 14.06
C LYS A 16 -5.48 -9.00 12.95
N VAL A 17 -4.49 -8.36 12.32
CA VAL A 17 -3.75 -9.00 11.25
C VAL A 17 -2.63 -9.89 11.78
N GLU A 18 -1.97 -9.51 12.88
CA GLU A 18 -0.92 -10.36 13.42
C GLU A 18 -1.41 -11.80 13.58
N GLY A 19 -2.66 -11.97 13.99
CA GLY A 19 -3.21 -13.29 14.25
C GLY A 19 -3.55 -14.09 13.00
N CYS A 20 -3.23 -13.56 11.82
CA CYS A 20 -3.48 -14.23 10.55
C CYS A 20 -2.20 -14.62 9.82
N MET A 21 -1.04 -14.31 10.34
CA MET A 21 0.18 -14.54 9.57
C MET A 21 0.72 -15.91 9.90
N VAL A 22 1.16 -16.62 8.87
CA VAL A 22 1.76 -17.94 9.04
C VAL A 22 2.97 -18.04 8.12
N GLN A 23 3.70 -19.13 8.27
CA GLN A 23 4.89 -19.40 7.48
C GLN A 23 4.55 -20.48 6.45
N VAL A 24 4.94 -20.25 5.20
CA VAL A 24 4.71 -21.19 4.12
C VAL A 24 6.05 -21.53 3.48
N THR A 25 6.36 -22.82 3.46
CA THR A 25 7.58 -23.36 2.87
C THR A 25 7.22 -24.39 1.80
N CYS A 26 7.89 -24.29 0.66
CA CYS A 26 7.79 -25.30 -0.38
C CYS A 26 9.20 -25.51 -0.86
N GLY A 27 9.72 -26.71 -0.67
CA GLY A 27 11.14 -26.95 -0.92
C GLY A 27 11.98 -26.21 0.10
N THR A 28 12.92 -25.41 -0.40
CA THR A 28 13.75 -24.57 0.45
C THR A 28 13.31 -23.10 0.44
N THR A 29 12.27 -22.78 -0.33
CA THR A 29 11.76 -21.41 -0.38
C THR A 29 10.72 -21.21 0.70
N THR A 30 10.92 -20.19 1.54
CA THR A 30 10.00 -19.87 2.63
C THR A 30 9.53 -18.41 2.51
N LEU A 31 8.23 -18.19 2.65
CA LEU A 31 7.69 -16.83 2.73
C LEU A 31 6.48 -16.84 3.67
N ASN A 32 5.74 -15.73 3.68
CA ASN A 32 4.60 -15.58 4.59
C ASN A 32 3.30 -15.87 3.85
N GLY A 33 2.31 -16.38 4.59
CA GLY A 33 0.98 -16.51 4.07
C GLY A 33 -0.04 -15.92 5.02
N LEU A 34 -1.22 -15.68 4.50
CA LEU A 34 -2.33 -15.06 5.25
C LEU A 34 -3.43 -16.10 5.47
N TRP A 35 -3.67 -16.44 6.73
CA TRP A 35 -4.54 -17.55 7.11
C TRP A 35 -5.89 -17.03 7.58
N LEU A 36 -6.92 -17.20 6.75
CA LEU A 36 -8.25 -16.67 7.00
C LEU A 36 -9.23 -17.80 6.77
N ASP A 37 -10.11 -18.06 7.76
CA ASP A 37 -10.99 -19.22 7.73
C ASP A 37 -10.07 -20.42 7.50
N ASP A 38 -10.36 -21.31 6.54
CA ASP A 38 -9.58 -22.53 6.35
C ASP A 38 -8.74 -22.45 5.07
N VAL A 39 -8.25 -21.25 4.76
CA VAL A 39 -7.52 -20.98 3.52
C VAL A 39 -6.29 -20.16 3.87
N VAL A 40 -5.15 -20.54 3.31
CA VAL A 40 -3.93 -19.76 3.42
C VAL A 40 -3.63 -19.20 2.04
N TYR A 41 -3.42 -17.88 1.96
CA TYR A 41 -3.09 -17.16 0.75
C TYR A 41 -1.62 -16.79 0.76
N CYS A 42 -0.91 -17.04 -0.33
CA CYS A 42 0.48 -16.63 -0.40
C CYS A 42 0.87 -16.41 -1.84
N PRO A 43 1.96 -15.68 -2.07
CA PRO A 43 2.46 -15.49 -3.45
C PRO A 43 2.85 -16.82 -4.08
N ARG A 44 2.49 -16.99 -5.35
CA ARG A 44 2.75 -18.25 -6.02
C ARG A 44 4.23 -18.54 -6.22
N HIS A 45 5.09 -17.53 -6.16
CA HIS A 45 6.49 -17.86 -6.41
C HIS A 45 7.13 -18.61 -5.23
N VAL A 46 6.37 -18.98 -4.21
CA VAL A 46 6.94 -19.87 -3.21
C VAL A 46 7.28 -21.23 -3.82
N ILE A 47 6.74 -21.56 -4.99
CA ILE A 47 7.02 -22.85 -5.62
C ILE A 47 8.27 -22.78 -6.48
N CYS A 48 8.97 -21.65 -6.44
CA CYS A 48 10.13 -21.43 -7.31
C CYS A 48 11.43 -21.71 -6.55
N THR A 49 12.40 -22.29 -7.27
CA THR A 49 13.79 -22.31 -6.84
C THR A 49 14.47 -21.03 -7.33
N SER A 50 15.68 -20.79 -6.82
CA SER A 50 16.43 -19.64 -7.29
C SER A 50 16.64 -19.70 -8.80
N GLU A 51 16.88 -20.90 -9.35
CA GLU A 51 17.03 -21.09 -10.78
C GLU A 51 15.70 -21.23 -11.52
N ASP A 52 14.60 -20.75 -10.93
CA ASP A 52 13.30 -20.67 -11.58
C ASP A 52 12.78 -19.26 -11.71
N MET A 53 13.30 -18.31 -10.93
CA MET A 53 12.66 -17.01 -10.78
C MET A 53 12.96 -16.08 -11.94
N LEU A 54 13.89 -16.44 -12.81
CA LEU A 54 14.25 -15.59 -13.95
C LEU A 54 13.15 -15.57 -15.00
N ASN A 55 12.52 -16.70 -15.21
CA ASN A 55 11.44 -16.83 -16.17
C ASN A 55 10.61 -18.08 -15.84
N PRO A 56 9.81 -18.02 -14.79
CA PRO A 56 9.09 -19.21 -14.33
C PRO A 56 7.88 -19.50 -15.21
N ASN A 57 7.61 -20.78 -15.45
CA ASN A 57 6.35 -21.21 -16.02
C ASN A 57 5.57 -21.80 -14.84
N TYR A 58 4.75 -20.95 -14.21
CA TYR A 58 4.15 -21.35 -12.93
C TYR A 58 3.22 -22.54 -13.11
N GLU A 59 2.46 -22.54 -14.20
CA GLU A 59 1.60 -23.68 -14.50
C GLU A 59 2.39 -24.99 -14.47
N ASP A 60 3.47 -25.04 -15.23
CA ASP A 60 4.29 -26.25 -15.29
C ASP A 60 4.92 -26.56 -13.94
N LEU A 61 5.35 -25.54 -13.19
CA LEU A 61 6.04 -25.78 -11.92
C LEU A 61 5.09 -26.35 -10.89
N LEU A 62 3.84 -25.92 -10.92
CA LEU A 62 2.90 -26.27 -9.87
C LEU A 62 2.43 -27.72 -10.02
N ILE A 63 2.31 -28.18 -11.28
CA ILE A 63 1.92 -29.54 -11.60
C ILE A 63 2.81 -30.58 -10.92
N ARG A 64 4.06 -30.24 -10.69
CA ARG A 64 4.95 -31.13 -9.94
C ARG A 64 4.75 -31.04 -8.43
N LYS A 65 3.83 -30.23 -7.93
CA LYS A 65 3.67 -30.06 -6.49
C LYS A 65 2.37 -30.72 -6.03
N SER A 66 2.43 -31.36 -4.86
CA SER A 66 1.27 -31.93 -4.21
C SER A 66 1.04 -31.21 -2.88
N ASN A 67 -0.15 -31.41 -2.30
CA ASN A 67 -0.46 -30.80 -1.01
C ASN A 67 0.63 -31.02 0.02
N HIS A 68 1.19 -32.22 0.08
CA HIS A 68 2.16 -32.46 1.14
C HIS A 68 3.50 -31.76 0.90
N ASN A 69 3.69 -31.12 -0.25
CA ASN A 69 4.91 -30.34 -0.47
C ASN A 69 4.83 -28.95 0.13
N PHE A 70 3.65 -28.54 0.61
CA PHE A 70 3.45 -27.23 1.22
C PHE A 70 3.45 -27.35 2.75
N LEU A 71 4.50 -26.87 3.38
CA LEU A 71 4.60 -26.86 4.83
C LEU A 71 4.12 -25.51 5.35
N VAL A 72 3.01 -25.55 6.08
CA VAL A 72 2.40 -24.36 6.66
C VAL A 72 2.55 -24.43 8.17
N GLN A 73 3.09 -23.38 8.76
CA GLN A 73 3.41 -23.36 10.17
C GLN A 73 2.83 -22.09 10.79
N ALA A 74 2.08 -22.26 11.87
CA ALA A 74 1.52 -21.16 12.64
C ALA A 74 2.09 -21.28 14.04
N GLY A 75 3.06 -20.43 14.34
CA GLY A 75 3.81 -20.64 15.56
C GLY A 75 4.47 -22.00 15.50
N ASN A 76 4.27 -22.80 16.54
CA ASN A 76 4.89 -24.12 16.65
C ASN A 76 4.04 -25.23 16.04
N VAL A 77 2.87 -24.91 15.47
CA VAL A 77 1.91 -25.92 15.04
C VAL A 77 1.94 -26.03 13.52
N GLN A 78 2.03 -27.26 13.02
CA GLN A 78 1.86 -27.50 11.59
C GLN A 78 0.38 -27.55 11.25
N LEU A 79 0.04 -26.98 10.10
CA LEU A 79 -1.30 -27.13 9.53
C LEU A 79 -1.23 -28.13 8.38
N ARG A 80 -2.27 -28.95 8.28
CA ARG A 80 -2.38 -29.92 7.20
C ARG A 80 -2.99 -29.27 5.96
N VAL A 81 -2.26 -29.31 4.85
CA VAL A 81 -2.75 -28.79 3.58
C VAL A 81 -3.54 -29.88 2.88
N ILE A 82 -4.82 -29.60 2.59
CA ILE A 82 -5.73 -30.58 1.99
C ILE A 82 -6.22 -30.17 0.61
N GLY A 83 -5.60 -29.17 0.01
CA GLY A 83 -6.03 -28.75 -1.30
C GLY A 83 -5.21 -27.55 -1.70
N HIS A 84 -5.04 -27.34 -3.00
CA HIS A 84 -4.27 -26.19 -3.46
C HIS A 84 -4.80 -25.77 -4.82
N SER A 85 -4.74 -24.46 -5.08
CA SER A 85 -4.99 -23.98 -6.44
C SER A 85 -4.35 -22.61 -6.61
N MET A 86 -4.15 -22.25 -7.87
CA MET A 86 -3.53 -20.98 -8.23
C MET A 86 -4.63 -20.05 -8.73
N GLN A 87 -4.68 -18.83 -8.18
CA GLN A 87 -5.58 -17.79 -8.67
C GLN A 87 -4.70 -16.59 -9.04
N ASN A 88 -4.55 -16.32 -10.34
CA ASN A 88 -3.65 -15.27 -10.81
C ASN A 88 -2.29 -15.50 -10.17
N CYS A 89 -1.70 -14.50 -9.51
CA CYS A 89 -0.36 -14.63 -8.94
C CYS A 89 -0.35 -15.10 -7.48
N VAL A 90 -1.47 -15.58 -6.96
CA VAL A 90 -1.52 -16.10 -5.60
CA VAL A 90 -1.52 -16.11 -5.58
C VAL A 90 -1.86 -17.59 -5.62
N LEU A 91 -1.32 -18.30 -4.65
CA LEU A 91 -1.72 -19.65 -4.30
C LEU A 91 -2.73 -19.59 -3.16
N LYS A 92 -3.70 -20.47 -3.21
CA LYS A 92 -4.64 -20.71 -2.12
C LYS A 92 -4.44 -22.15 -1.65
N LEU A 93 -4.03 -22.31 -0.42
CA LEU A 93 -3.86 -23.62 0.20
C LEU A 93 -5.03 -23.84 1.13
N LYS A 94 -5.85 -24.84 0.83
CA LYS A 94 -6.89 -25.22 1.76
C LYS A 94 -6.27 -26.04 2.87
N VAL A 95 -6.58 -25.70 4.12
CA VAL A 95 -6.03 -26.37 5.28
C VAL A 95 -7.19 -26.94 6.10
N ASP A 96 -6.87 -27.89 6.98
CA ASP A 96 -7.90 -28.64 7.70
C ASP A 96 -8.41 -27.92 8.95
N THR A 97 -7.96 -26.70 9.22
CA THR A 97 -8.27 -25.95 10.44
C THR A 97 -8.60 -24.52 10.09
N ALA A 98 -9.79 -24.06 10.45
CA ALA A 98 -10.10 -22.64 10.35
C ALA A 98 -9.31 -21.87 11.39
N ASN A 99 -8.78 -20.72 10.98
CA ASN A 99 -8.04 -19.88 11.91
C ASN A 99 -8.98 -19.35 12.97
N PRO A 100 -8.80 -19.70 14.25
CA PRO A 100 -9.73 -19.18 15.28
C PRO A 100 -9.57 -17.69 15.54
N LYS A 101 -8.58 -17.06 14.93
CA LYS A 101 -8.33 -15.63 15.11
C LYS A 101 -8.75 -14.83 13.90
N THR A 102 -9.43 -15.46 12.94
CA THR A 102 -9.92 -14.78 11.75
C THR A 102 -10.75 -13.58 12.15
N PRO A 103 -10.37 -12.37 11.78
CA PRO A 103 -11.23 -11.20 12.02
C PRO A 103 -12.34 -11.10 10.99
N LYS A 104 -13.32 -10.27 11.28
CA LYS A 104 -14.19 -9.79 10.21
C LYS A 104 -13.33 -9.15 9.13
N TYR A 105 -13.56 -9.49 7.86
CA TYR A 105 -12.60 -9.08 6.85
C TYR A 105 -13.27 -9.06 5.48
N LYS A 106 -12.69 -8.27 4.58
CA LYS A 106 -12.97 -8.39 3.17
C LYS A 106 -11.71 -8.12 2.37
N PHE A 107 -11.79 -8.44 1.08
CA PHE A 107 -10.75 -8.18 0.10
C PHE A 107 -11.20 -6.99 -0.75
N VAL A 108 -10.32 -6.00 -0.91
CA VAL A 108 -10.64 -4.86 -1.75
C VAL A 108 -9.46 -4.55 -2.66
N ARG A 109 -9.76 -4.05 -3.84
CA ARG A 109 -8.73 -3.57 -4.75
C ARG A 109 -8.74 -2.06 -4.64
N ILE A 110 -7.68 -1.52 -4.13
CA ILE A 110 -7.64 -0.13 -3.72
C ILE A 110 -7.28 0.75 -4.92
N GLN A 111 -7.67 1.95 -4.85
CA GLN A 111 -7.43 2.91 -5.92
C GLN A 111 -6.10 3.62 -5.72
N PRO A 112 -5.44 4.03 -6.81
CA PRO A 112 -4.24 4.88 -6.66
C PRO A 112 -4.56 6.14 -5.88
N GLY A 113 -3.58 6.60 -5.10
CA GLY A 113 -3.75 7.74 -4.22
C GLY A 113 -4.26 7.41 -2.83
N GLN A 114 -4.77 6.21 -2.60
CA GLN A 114 -5.24 5.85 -1.27
C GLN A 114 -4.12 5.20 -0.48
N THR A 115 -4.31 5.15 0.83
CA THR A 115 -3.30 4.69 1.77
C THR A 115 -3.75 3.42 2.46
N PHE A 116 -2.78 2.76 3.07
CA PHE A 116 -3.04 1.54 3.81
C PHE A 116 -1.80 1.25 4.65
N SER A 117 -1.99 0.41 5.66
CA SER A 117 -0.91 -0.03 6.54
C SER A 117 -0.31 -1.33 6.04
N VAL A 118 1.00 -1.48 6.22
CA VAL A 118 1.72 -2.70 5.89
C VAL A 118 2.25 -3.31 7.17
N LEU A 119 1.95 -4.60 7.36
CA LEU A 119 2.51 -5.42 8.43
C LEU A 119 3.61 -6.28 7.79
N ALA A 120 4.82 -5.79 7.88
CA ALA A 120 5.99 -6.48 7.34
C ALA A 120 6.31 -7.69 8.20
N CYS A 121 6.40 -8.86 7.57
CA CYS A 121 6.63 -10.11 8.29
C CYS A 121 7.81 -10.87 7.68
N TYR A 122 8.43 -11.71 8.51
CA TYR A 122 9.49 -12.61 8.05
C TYR A 122 9.27 -13.97 8.71
N ASN A 123 9.34 -15.03 7.91
CA ASN A 123 9.11 -16.38 8.43
C ASN A 123 7.78 -16.49 9.16
N GLY A 124 6.80 -15.71 8.74
CA GLY A 124 5.53 -15.75 9.43
C GLY A 124 5.44 -14.97 10.72
N SER A 125 6.48 -14.22 11.10
CA SER A 125 6.47 -13.43 12.33
C SER A 125 6.44 -11.94 12.00
N PRO A 126 5.47 -11.19 12.53
CA PRO A 126 5.50 -9.73 12.36
C PRO A 126 6.77 -9.11 12.88
N SER A 127 7.38 -8.27 12.06
CA SER A 127 8.50 -7.45 12.49
C SER A 127 8.14 -5.98 12.71
N GLY A 128 7.27 -5.40 11.89
CA GLY A 128 7.00 -3.98 12.07
C GLY A 128 5.82 -3.56 11.22
N VAL A 129 5.34 -2.36 11.47
CA VAL A 129 4.13 -1.86 10.82
C VAL A 129 4.36 -0.43 10.40
N TYR A 130 3.93 -0.09 9.18
CA TYR A 130 4.05 1.28 8.70
C TYR A 130 2.97 1.58 7.67
N GLN A 131 2.87 2.87 7.32
CA GLN A 131 1.81 3.41 6.46
C GLN A 131 2.37 3.69 5.06
N CYS A 132 1.64 3.26 4.03
CA CYS A 132 2.03 3.44 2.64
C CYS A 132 0.87 4.02 1.83
N ALA A 133 1.21 4.51 0.64
CA ALA A 133 0.23 4.89 -0.35
C ALA A 133 0.47 4.10 -1.63
N MET A 134 -0.62 3.78 -2.30
CA MET A 134 -0.56 3.22 -3.65
C MET A 134 -0.31 4.40 -4.59
N ARG A 135 0.87 4.47 -5.19
CA ARG A 135 1.20 5.61 -6.03
C ARG A 135 0.37 5.59 -7.31
N PRO A 136 0.33 6.72 -8.01
CA PRO A 136 -0.38 6.73 -9.29
C PRO A 136 0.16 5.72 -10.27
N ASN A 137 1.44 5.37 -10.19
CA ASN A 137 2.01 4.38 -11.09
C ASN A 137 1.96 2.98 -10.52
N PHE A 138 1.17 2.78 -9.46
CA PHE A 138 0.87 1.45 -8.90
C PHE A 138 2.09 0.78 -8.30
N THR A 139 3.02 1.57 -7.76
CA THR A 139 4.07 1.05 -6.91
C THR A 139 3.84 1.57 -5.50
N ILE A 140 4.57 0.99 -4.56
CA ILE A 140 4.60 1.53 -3.20
C ILE A 140 6.06 1.61 -2.80
N LYS A 141 6.32 2.53 -1.87
CA LYS A 141 7.65 2.83 -1.38
C LYS A 141 7.72 2.24 0.02
N GLY A 142 8.03 0.95 0.09
CA GLY A 142 8.00 0.22 1.33
C GLY A 142 9.38 -0.04 1.88
N SER A 143 9.42 -0.92 2.88
CA SER A 143 10.65 -1.45 3.43
C SER A 143 10.49 -2.96 3.49
N PHE A 144 11.15 -3.64 2.58
CA PHE A 144 10.95 -5.07 2.37
C PHE A 144 12.31 -5.68 2.11
N LEU A 145 12.60 -6.77 2.80
CA LEU A 145 13.79 -7.57 2.58
C LEU A 145 13.40 -8.91 1.96
N ASN A 146 14.40 -9.66 1.52
CA ASN A 146 14.15 -11.04 1.17
C ASN A 146 13.42 -11.72 2.33
N GLY A 147 12.41 -12.49 2.00
CA GLY A 147 11.60 -13.18 2.97
C GLY A 147 10.32 -12.47 3.35
N SER A 148 10.13 -11.22 2.91
CA SER A 148 8.95 -10.43 3.25
C SER A 148 7.74 -10.70 2.37
N CYS A 149 7.92 -11.40 1.25
CA CYS A 149 6.81 -11.68 0.38
C CYS A 149 5.70 -12.40 1.14
N GLY A 150 4.45 -12.06 0.82
CA GLY A 150 3.30 -12.50 1.56
C GLY A 150 2.86 -11.59 2.69
N SER A 151 3.72 -10.65 3.11
CA SER A 151 3.28 -9.55 3.95
C SER A 151 2.11 -8.83 3.29
N VAL A 152 1.14 -8.38 4.10
CA VAL A 152 -0.07 -7.78 3.57
C VAL A 152 -0.23 -6.32 3.98
N GLY A 153 -1.02 -5.60 3.18
CA GLY A 153 -1.43 -4.26 3.50
C GLY A 153 -2.92 -4.24 3.66
N PHE A 154 -3.40 -3.33 4.52
CA PHE A 154 -4.76 -3.36 5.01
C PHE A 154 -5.17 -1.98 5.52
N ASN A 155 -6.49 -1.80 5.58
CA ASN A 155 -7.14 -0.76 6.37
C ASN A 155 -8.08 -1.43 7.37
N ILE A 156 -8.50 -0.68 8.39
CA ILE A 156 -9.49 -1.16 9.35
C ILE A 156 -10.62 -0.15 9.40
N ASP A 157 -11.85 -0.64 9.25
CA ASP A 157 -13.07 0.17 9.35
C ASP A 157 -13.88 -0.41 10.51
N TYR A 158 -13.85 0.28 11.65
CA TYR A 158 -14.48 -0.22 12.88
C TYR A 158 -13.83 -1.55 13.26
N ASP A 159 -14.56 -2.65 13.13
CA ASP A 159 -14.04 -3.96 13.48
C ASP A 159 -13.65 -4.79 12.25
N CYS A 160 -13.72 -4.22 11.06
CA CYS A 160 -13.55 -4.94 9.80
C CYS A 160 -12.21 -4.63 9.14
N VAL A 161 -11.47 -5.67 8.79
CA VAL A 161 -10.15 -5.52 8.17
C VAL A 161 -10.35 -5.66 6.67
N SER A 162 -9.97 -4.63 5.91
CA SER A 162 -10.00 -4.69 4.45
C SER A 162 -8.60 -4.92 3.94
N PHE A 163 -8.33 -6.14 3.50
CA PHE A 163 -7.04 -6.47 2.93
C PHE A 163 -6.97 -5.97 1.49
N CYS A 164 -5.89 -5.26 1.15
CA CYS A 164 -5.78 -4.70 -0.20
C CYS A 164 -4.47 -5.01 -0.91
N TYR A 165 -3.46 -5.54 -0.24
CA TYR A 165 -2.15 -5.68 -0.88
C TYR A 165 -1.47 -6.91 -0.34
N MET A 166 -0.80 -7.65 -1.22
CA MET A 166 0.13 -8.69 -0.81
C MET A 166 1.46 -8.45 -1.52
N HIS A 167 2.56 -8.54 -0.77
CA HIS A 167 3.86 -8.17 -1.32
C HIS A 167 4.48 -9.29 -2.14
N HIS A 168 5.07 -8.92 -3.34
CA HIS A 168 5.69 -9.85 -4.29
C HIS A 168 7.08 -9.49 -4.76
N MET A 169 7.37 -8.22 -5.05
CA MET A 169 8.68 -7.95 -5.63
C MET A 169 9.13 -6.51 -5.48
N GLU A 170 10.40 -6.31 -5.83
CA GLU A 170 11.06 -5.03 -5.84
C GLU A 170 11.40 -4.67 -7.29
N LEU A 171 11.37 -3.37 -7.59
CA LEU A 171 11.74 -2.82 -8.88
C LEU A 171 13.09 -2.14 -8.81
N PRO A 172 13.74 -1.92 -9.96
CA PRO A 172 15.10 -1.34 -9.92
C PRO A 172 15.16 0.01 -9.24
N THR A 173 14.07 0.77 -9.26
CA THR A 173 14.07 2.07 -8.59
C THR A 173 14.03 1.96 -7.08
N GLY A 174 14.00 0.74 -6.52
CA GLY A 174 13.88 0.57 -5.09
C GLY A 174 12.45 0.56 -4.58
N VAL A 175 11.47 0.79 -5.45
CA VAL A 175 10.08 0.76 -5.04
C VAL A 175 9.58 -0.68 -5.09
N HIS A 176 8.31 -0.86 -4.76
CA HIS A 176 7.79 -2.20 -4.52
C HIS A 176 6.50 -2.40 -5.29
N ALA A 177 6.24 -3.65 -5.66
CA ALA A 177 5.05 -4.02 -6.40
C ALA A 177 4.43 -5.30 -5.84
N GLY A 178 3.12 -5.45 -6.03
CA GLY A 178 2.41 -6.57 -5.44
C GLY A 178 1.01 -6.64 -5.99
N THR A 179 0.20 -7.52 -5.38
CA THR A 179 -1.13 -7.85 -5.88
C THR A 179 -2.21 -7.49 -4.87
N ASP A 180 -3.47 -7.50 -5.32
CA ASP A 180 -4.57 -7.60 -4.39
C ASP A 180 -4.70 -9.05 -3.92
N LEU A 181 -5.67 -9.33 -3.06
CA LEU A 181 -5.76 -10.68 -2.48
C LEU A 181 -6.41 -11.69 -3.40
N GLU A 182 -6.80 -11.26 -4.61
CA GLU A 182 -7.12 -12.19 -5.70
C GLU A 182 -5.94 -12.44 -6.62
N GLY A 183 -4.78 -11.86 -6.32
CA GLY A 183 -3.55 -12.19 -7.03
C GLY A 183 -3.31 -11.42 -8.31
N ASN A 184 -4.11 -10.38 -8.58
CA ASN A 184 -3.92 -9.51 -9.73
C ASN A 184 -2.98 -8.38 -9.32
N PHE A 185 -1.86 -8.24 -10.03
CA PHE A 185 -0.95 -7.15 -9.68
C PHE A 185 -1.66 -5.81 -9.75
N TYR A 186 -1.26 -4.90 -8.89
CA TYR A 186 -1.42 -3.50 -9.18
C TYR A 186 -0.34 -3.11 -10.19
N GLY A 187 -0.74 -2.49 -11.28
CA GLY A 187 0.21 -2.01 -12.27
C GLY A 187 0.55 -3.05 -13.32
N PRO A 188 1.48 -2.70 -14.18
CA PRO A 188 1.78 -3.56 -15.34
C PRO A 188 2.81 -4.65 -15.05
N PHE A 189 2.93 -5.08 -13.82
CA PHE A 189 4.03 -5.95 -13.43
C PHE A 189 3.65 -7.42 -13.49
N VAL A 190 4.69 -8.26 -13.58
CA VAL A 190 4.58 -9.71 -13.61
C VAL A 190 5.58 -10.25 -12.59
N ASP A 191 5.29 -11.43 -12.05
CA ASP A 191 6.14 -11.99 -11.01
C ASP A 191 7.24 -12.82 -11.67
N ARG A 192 8.23 -12.12 -12.21
CA ARG A 192 9.48 -12.74 -12.62
C ARG A 192 10.61 -11.77 -12.35
N GLN A 193 11.79 -12.35 -12.09
CA GLN A 193 12.95 -11.63 -11.58
C GLN A 193 13.70 -11.03 -12.77
N THR A 194 13.04 -10.04 -13.36
CA THR A 194 13.58 -9.16 -14.37
C THR A 194 13.35 -7.72 -13.95
N ALA A 195 14.16 -6.81 -14.48
CA ALA A 195 13.94 -5.38 -14.30
C ALA A 195 12.69 -4.95 -15.07
N GLN A 196 11.81 -4.24 -14.39
CA GLN A 196 10.55 -3.80 -14.98
C GLN A 196 10.38 -2.32 -14.66
N ALA A 197 9.68 -1.62 -15.54
CA ALA A 197 9.50 -0.18 -15.45
C ALA A 197 8.13 0.16 -14.87
N ALA A 198 8.10 1.10 -13.95
CA ALA A 198 6.84 1.61 -13.43
C ALA A 198 6.32 2.81 -14.21
N GLY A 199 7.14 3.40 -15.07
CA GLY A 199 6.74 4.65 -15.69
C GLY A 199 6.77 5.82 -14.73
N THR A 200 6.67 7.01 -15.30
CA THR A 200 6.65 8.25 -14.55
C THR A 200 5.69 8.17 -13.36
N ASP A 201 6.20 8.52 -12.20
CA ASP A 201 5.29 8.72 -11.09
C ASP A 201 4.82 10.16 -11.10
N THR A 202 3.66 10.38 -10.51
CA THR A 202 3.06 11.69 -10.43
C THR A 202 2.69 11.92 -8.97
N THR A 203 2.67 13.19 -8.56
CA THR A 203 2.34 13.50 -7.20
C THR A 203 0.83 13.55 -7.01
N ILE A 204 0.37 13.14 -5.82
CA ILE A 204 -1.05 13.01 -5.52
C ILE A 204 -1.52 14.36 -4.98
N THR A 205 -1.94 15.24 -5.89
CA THR A 205 -2.21 16.63 -5.58
C THR A 205 -3.21 16.77 -4.42
N VAL A 206 -4.28 15.98 -4.45
CA VAL A 206 -5.31 16.15 -3.43
C VAL A 206 -4.72 15.86 -2.05
N ASN A 207 -3.73 14.95 -1.98
CA ASN A 207 -3.14 14.58 -0.69
C ASN A 207 -2.19 15.68 -0.19
N VAL A 208 -1.44 16.29 -1.09
CA VAL A 208 -0.58 17.41 -0.72
C VAL A 208 -1.42 18.53 -0.12
N LEU A 209 -2.56 18.85 -0.77
CA LEU A 209 -3.49 19.84 -0.24
C LEU A 209 -4.00 19.43 1.13
N ALA A 210 -4.37 18.15 1.29
CA ALA A 210 -4.84 17.72 2.59
C ALA A 210 -3.77 17.96 3.64
N TRP A 211 -2.52 17.68 3.28
CA TRP A 211 -1.41 17.80 4.22
C TRP A 211 -1.12 19.26 4.54
N LEU A 212 -1.25 20.15 3.55
CA LEU A 212 -1.17 21.58 3.84
C LEU A 212 -2.28 22.02 4.78
N TYR A 213 -3.49 21.47 4.63
CA TYR A 213 -4.53 21.79 5.60
C TYR A 213 -4.14 21.29 6.99
N ALA A 214 -3.61 20.07 7.08
CA ALA A 214 -3.17 19.54 8.37
C ALA A 214 -2.10 20.44 8.99
N ALA A 215 -1.20 20.96 8.15
CA ALA A 215 -0.21 21.92 8.62
C ALA A 215 -0.88 23.12 9.25
N VAL A 216 -1.85 23.70 8.55
CA VAL A 216 -2.52 24.88 9.07
C VAL A 216 -3.23 24.52 10.37
N ILE A 217 -3.85 23.36 10.42
CA ILE A 217 -4.54 22.92 11.64
C ILE A 217 -3.56 22.81 12.79
N ASN A 218 -2.28 22.58 12.49
CA ASN A 218 -1.25 22.38 13.50
C ASN A 218 -0.35 23.60 13.65
N GLY A 219 -0.89 24.79 13.35
CA GLY A 219 -0.25 26.05 13.66
C GLY A 219 0.82 26.50 12.70
N ASP A 220 1.14 25.69 11.69
CA ASP A 220 2.17 26.05 10.70
C ASP A 220 1.45 26.71 9.52
N ARG A 221 1.68 28.01 9.32
CA ARG A 221 0.88 28.77 8.37
C ARG A 221 1.70 29.70 7.46
N TRP A 222 3.03 29.64 7.52
CA TRP A 222 3.85 30.65 6.86
C TRP A 222 3.66 30.68 5.35
N PHE A 223 3.21 29.56 4.76
CA PHE A 223 3.11 29.41 3.31
C PHE A 223 1.81 29.99 2.74
N LEU A 224 0.88 30.41 3.58
CA LEU A 224 -0.36 30.99 3.09
C LEU A 224 -0.09 32.36 2.52
N ASN A 225 -0.70 32.66 1.38
CA ASN A 225 -0.48 33.95 0.75
C ASN A 225 -1.82 34.64 0.51
N ARG A 226 -1.76 35.74 -0.22
CA ARG A 226 -2.89 36.65 -0.42
C ARG A 226 -3.61 36.38 -1.73
N PHE A 227 -3.29 35.29 -2.41
CA PHE A 227 -3.74 35.05 -3.76
C PHE A 227 -4.74 33.92 -3.81
N THR A 228 -5.40 33.82 -4.95
CA THR A 228 -6.23 32.69 -5.27
C THR A 228 -5.92 32.33 -6.72
N THR A 229 -6.53 31.23 -7.18
CA THR A 229 -6.36 30.82 -8.57
C THR A 229 -7.67 30.20 -9.05
N THR A 230 -7.62 29.64 -10.25
CA THR A 230 -8.71 28.85 -10.80
C THR A 230 -8.26 27.41 -10.93
N LEU A 231 -9.25 26.51 -10.92
CA LEU A 231 -8.96 25.10 -11.15
C LEU A 231 -8.17 24.93 -12.43
N ASN A 232 -8.65 25.52 -13.53
CA ASN A 232 -7.97 25.45 -14.81
C ASN A 232 -6.53 25.95 -14.70
N ASP A 233 -6.34 27.07 -14.00
CA ASP A 233 -5.02 27.69 -13.98
C ASP A 233 -4.06 26.96 -13.04
N PHE A 234 -4.56 26.45 -11.91
CA PHE A 234 -3.71 25.61 -11.07
C PHE A 234 -3.19 24.40 -11.83
N ASN A 235 -4.07 23.75 -12.61
CA ASN A 235 -3.70 22.53 -13.31
C ASN A 235 -2.68 22.77 -14.40
N LEU A 236 -2.68 23.96 -15.00
CA LEU A 236 -1.60 24.32 -15.92
C LEU A 236 -0.26 24.25 -15.21
N VAL A 237 -0.22 24.62 -13.94
CA VAL A 237 0.99 24.50 -13.15
C VAL A 237 1.17 23.08 -12.64
N ALA A 238 0.08 22.39 -12.28
CA ALA A 238 0.20 21.00 -11.86
C ALA A 238 0.89 20.18 -12.95
N MET A 239 0.34 20.21 -14.16
CA MET A 239 0.90 19.49 -15.29
C MET A 239 2.42 19.64 -15.36
N LYS A 240 2.90 20.87 -15.34
CA LYS A 240 4.33 21.09 -15.52
C LYS A 240 5.13 20.35 -14.46
N TYR A 241 4.56 20.13 -13.28
CA TYR A 241 5.29 19.53 -12.17
C TYR A 241 5.00 18.05 -11.99
N ASN A 242 4.32 17.43 -12.95
CA ASN A 242 3.84 16.06 -12.80
C ASN A 242 3.09 15.89 -11.48
N TYR A 243 2.18 16.81 -11.23
CA TYR A 243 1.11 16.67 -10.26
C TYR A 243 -0.14 16.19 -10.96
N GLU A 244 -0.92 15.36 -10.26
CA GLU A 244 -2.21 14.94 -10.80
C GLU A 244 -3.13 16.15 -10.92
N PRO A 245 -3.90 16.25 -11.99
CA PRO A 245 -4.88 17.33 -12.07
C PRO A 245 -5.89 17.24 -10.93
N LEU A 246 -6.31 18.40 -10.45
CA LEU A 246 -7.37 18.50 -9.45
C LEU A 246 -8.71 18.66 -10.13
N THR A 247 -9.72 17.99 -9.57
CA THR A 247 -11.08 17.97 -10.09
C THR A 247 -12.02 18.49 -9.02
N GLN A 248 -13.26 18.76 -9.41
CA GLN A 248 -14.21 19.27 -8.43
C GLN A 248 -14.52 18.22 -7.36
N ASP A 249 -14.45 16.93 -7.70
CA ASP A 249 -14.63 15.90 -6.68
C ASP A 249 -13.54 15.99 -5.62
N HIS A 250 -12.30 16.17 -6.04
CA HIS A 250 -11.22 16.52 -5.11
C HIS A 250 -11.60 17.71 -4.25
N VAL A 251 -12.06 18.79 -4.88
CA VAL A 251 -12.45 19.98 -4.15
C VAL A 251 -13.49 19.64 -3.08
N ASP A 252 -14.54 18.91 -3.45
CA ASP A 252 -15.55 18.58 -2.45
C ASP A 252 -15.03 17.63 -1.39
N ILE A 253 -14.13 16.72 -1.76
CA ILE A 253 -13.46 15.88 -0.77
C ILE A 253 -12.70 16.75 0.24
N LEU A 254 -12.04 17.79 -0.23
CA LEU A 254 -11.34 18.69 0.68
C LEU A 254 -12.28 19.60 1.47
N GLY A 255 -13.58 19.55 1.23
CA GLY A 255 -14.51 20.47 1.84
C GLY A 255 -14.46 20.55 3.35
N PRO A 256 -14.57 19.41 4.02
CA PRO A 256 -14.52 19.45 5.50
C PRO A 256 -13.25 20.08 6.06
N LEU A 257 -12.11 19.87 5.41
CA LEU A 257 -10.88 20.52 5.84
C LEU A 257 -10.93 22.03 5.57
N SER A 258 -11.41 22.42 4.38
CA SER A 258 -11.61 23.84 4.09
C SER A 258 -12.54 24.46 5.12
N ALA A 259 -13.59 23.73 5.51
CA ALA A 259 -14.53 24.25 6.50
C ALA A 259 -13.89 24.37 7.88
N GLN A 260 -13.05 23.41 8.26
CA GLN A 260 -12.46 23.47 9.58
C GLN A 260 -11.43 24.60 9.68
N THR A 261 -10.71 24.89 8.58
CA THR A 261 -9.66 25.91 8.62
C THR A 261 -10.13 27.28 8.17
N GLY A 262 -11.23 27.37 7.41
CA GLY A 262 -11.64 28.63 6.85
C GLY A 262 -10.86 29.08 5.64
N ILE A 263 -10.06 28.20 5.04
CA ILE A 263 -9.28 28.52 3.84
C ILE A 263 -9.96 27.87 2.64
N ALA A 264 -10.41 28.69 1.71
CA ALA A 264 -10.99 28.16 0.48
C ALA A 264 -9.98 27.27 -0.23
N VAL A 265 -10.50 26.25 -0.91
CA VAL A 265 -9.65 25.26 -1.54
C VAL A 265 -8.79 25.92 -2.63
N LEU A 266 -9.36 26.84 -3.39
CA LEU A 266 -8.61 27.49 -4.46
C LEU A 266 -7.56 28.44 -3.90
N ASP A 267 -7.81 28.99 -2.72
CA ASP A 267 -6.79 29.74 -2.02
C ASP A 267 -5.63 28.83 -1.62
N MET A 268 -5.93 27.65 -1.06
CA MET A 268 -4.84 26.74 -0.76
C MET A 268 -4.11 26.35 -2.04
N CYS A 269 -4.84 26.24 -3.15
CA CYS A 269 -4.18 25.92 -4.42
C CYS A 269 -3.20 27.03 -4.82
N ALA A 270 -3.57 28.27 -4.57
CA ALA A 270 -2.69 29.39 -4.85
C ALA A 270 -1.39 29.28 -4.06
N SER A 271 -1.51 28.94 -2.76
CA SER A 271 -0.31 28.78 -1.95
C SER A 271 0.54 27.63 -2.44
N LEU A 272 -0.10 26.57 -2.93
CA LEU A 272 0.64 25.40 -3.43
C LEU A 272 1.39 25.76 -4.72
N LYS A 273 0.75 26.47 -5.63
CA LYS A 273 1.45 26.96 -6.82
C LYS A 273 2.71 27.74 -6.45
N GLU A 274 2.58 28.65 -5.48
CA GLU A 274 3.73 29.46 -5.06
C GLU A 274 4.83 28.58 -4.46
N LEU A 275 4.45 27.62 -3.61
CA LEU A 275 5.42 26.65 -3.10
C LEU A 275 6.08 25.88 -4.24
N LEU A 276 5.32 25.53 -5.27
CA LEU A 276 5.88 24.71 -6.35
C LEU A 276 6.81 25.54 -7.21
N GLN A 277 6.44 26.80 -7.44
CA GLN A 277 7.24 27.68 -8.29
C GLN A 277 8.46 28.22 -7.55
N ASN A 278 8.35 28.43 -6.24
CA ASN A 278 9.36 29.12 -5.45
C ASN A 278 10.06 28.22 -4.43
N GLY A 279 9.77 26.94 -4.41
CA GLY A 279 10.36 26.10 -3.36
C GLY A 279 10.01 26.62 -1.97
N MET A 280 10.66 26.01 -0.98
CA MET A 280 10.40 26.30 0.43
C MET A 280 11.48 27.17 1.10
N ASN A 281 12.45 27.67 0.33
CA ASN A 281 13.50 28.57 0.84
C ASN A 281 13.97 28.16 2.24
N GLY A 282 14.27 26.87 2.39
CA GLY A 282 14.83 26.34 3.62
C GLY A 282 13.86 26.22 4.78
N ARG A 283 12.62 26.67 4.64
CA ARG A 283 11.66 26.54 5.73
C ARG A 283 11.10 25.11 5.71
N THR A 284 10.16 24.83 6.61
CA THR A 284 9.64 23.48 6.77
C THR A 284 8.14 23.53 7.00
N ILE A 285 7.51 22.37 6.83
CA ILE A 285 6.08 22.22 6.99
C ILE A 285 5.82 20.89 7.68
N LEU A 286 5.17 20.94 8.84
CA LEU A 286 5.06 19.78 9.72
C LEU A 286 6.35 18.98 9.80
N GLY A 287 7.48 19.66 9.93
CA GLY A 287 8.74 18.96 10.09
C GLY A 287 9.25 18.25 8.86
N SER A 288 8.88 18.71 7.67
CA SER A 288 9.40 18.15 6.43
C SER A 288 9.87 19.31 5.55
N ALA A 289 10.93 19.07 4.80
CA ALA A 289 11.39 20.05 3.82
C ALA A 289 10.95 19.69 2.40
N LEU A 290 10.03 18.74 2.27
CA LEU A 290 9.44 18.35 1.00
C LEU A 290 7.93 18.36 1.15
N LEU A 291 7.24 18.38 0.01
CA LEU A 291 5.78 18.39 0.01
C LEU A 291 5.26 16.95 0.09
N GLU A 292 4.48 16.65 1.12
CA GLU A 292 4.12 15.28 1.46
C GLU A 292 2.79 14.87 0.82
N ASP A 293 2.74 13.69 0.19
CA ASP A 293 1.54 13.31 -0.55
C ASP A 293 1.00 11.93 -0.19
N GLU A 294 1.42 11.35 0.94
CA GLU A 294 0.89 10.06 1.33
C GLU A 294 -0.07 10.16 2.52
N PHE A 295 -0.72 11.32 2.68
CA PHE A 295 -1.88 11.46 3.57
C PHE A 295 -3.11 11.80 2.74
N THR A 296 -4.15 10.98 2.83
CA THR A 296 -5.41 11.36 2.20
C THR A 296 -6.16 12.41 3.05
N PRO A 297 -7.11 13.11 2.43
CA PRO A 297 -8.04 13.92 3.23
C PRO A 297 -8.67 13.14 4.35
N PHE A 298 -9.10 11.90 4.09
CA PHE A 298 -9.66 11.07 5.16
C PHE A 298 -8.65 10.88 6.28
N ASP A 299 -7.40 10.54 5.92
CA ASP A 299 -6.35 10.37 6.93
C ASP A 299 -6.20 11.61 7.81
N VAL A 300 -6.16 12.79 7.17
CA VAL A 300 -5.97 14.03 7.90
C VAL A 300 -7.12 14.29 8.86
N VAL A 301 -8.36 14.16 8.37
CA VAL A 301 -9.54 14.27 9.24
C VAL A 301 -9.43 13.31 10.42
N ARG A 302 -9.14 12.03 10.14
CA ARG A 302 -9.06 11.05 11.22
C ARG A 302 -8.02 11.46 12.26
N GLN A 303 -6.86 11.94 11.81
CA GLN A 303 -5.80 12.23 12.76
C GLN A 303 -6.07 13.50 13.54
N CYS A 304 -6.66 14.51 12.90
CA CYS A 304 -6.96 15.77 13.58
C CYS A 304 -8.36 15.78 14.21
N SER A 305 -8.82 14.64 14.73
CA SER A 305 -10.09 14.56 15.49
C SER A 305 -10.14 13.37 16.45
C02 YMS B . 12.51 -9.67 -7.21
C04 YMS B . 10.95 -11.41 -6.35
C05 YMS B . 10.50 -12.80 -6.75
C06 YMS B . 9.83 -12.79 -8.12
C07 YMS B . 9.77 -14.19 -8.71
C08 YMS B . 8.41 -12.23 -8.01
C09 YMS B . 11.36 -11.41 -4.88
C11 YMS B . 10.84 -10.88 -2.50
C12 YMS B . 10.81 -9.44 -1.99
C13 YMS B . 11.91 -8.63 -2.55
C14 YMS B . 11.83 -7.15 -1.99
C16 YMS B . 14.05 -8.00 -2.07
C17 YMS B . 13.26 -9.11 -2.07
C19 YMS B . 9.89 -11.81 -1.74
C23 YMS B . 14.12 -8.10 -8.04
C24 YMS B . 13.85 -7.53 -9.43
C25 YMS B . 14.64 -6.24 -9.70
C26 YMS B . 16.14 -6.46 -9.44
C27 YMS B . 16.96 -5.19 -9.77
C28 YMS B . 17.25 -4.24 -8.79
C29 YMS B . 18.00 -3.12 -9.11
C30 YMS B . 18.46 -2.94 -10.40
C31 YMS B . 18.17 -3.88 -11.38
C32 YMS B . 17.42 -5.01 -11.06
C33 YMS B . 16.33 -6.87 -7.97
C34 YMS B . 15.60 -8.17 -7.69
N03 YMS B . 12.11 -11.06 -7.13
N10 YMS B . 10.46 -10.87 -3.90
N15 YMS B . 13.10 -6.79 -1.70
O01 YMS B . 11.91 -8.83 -6.65
O18 YMS B . 10.85 -6.50 -1.85
O20 YMS B . 10.07 -13.09 -2.26
O21 YMS B . 12.42 -11.83 -4.56
O22 YMS B . 13.64 -9.42 -8.00
C02 YMV C . 12.51 -9.65 -7.24
C04 YMV C . 10.96 -11.41 -6.39
C05 YMV C . 10.53 -12.82 -6.77
C06 YMV C . 9.88 -12.84 -8.15
C07 YMV C . 9.82 -14.26 -8.71
C08 YMV C . 8.48 -12.26 -8.10
C09 YMV C . 11.44 -11.37 -4.96
C11 YMV C . 10.86 -11.12 -2.54
C12 YMV C . 10.87 -9.67 -2.07
C13 YMV C . 11.94 -8.89 -2.70
C14 YMV C . 11.80 -7.39 -2.23
C16 YMV C . 14.05 -8.14 -2.20
C17 YMV C . 13.31 -9.30 -2.18
C19 YMV C . 9.85 -11.98 -1.76
C23 YMV C . 14.15 -8.10 -8.01
C24 YMV C . 13.87 -7.57 -9.42
C25 YMV C . 14.66 -6.30 -9.73
C26 YMV C . 16.15 -6.50 -9.47
C27 YMV C . 16.98 -5.26 -9.87
C28 YMV C . 17.29 -4.27 -8.92
C29 YMV C . 18.04 -3.17 -9.29
C30 YMV C . 18.48 -3.04 -10.59
C31 YMV C . 18.18 -4.01 -11.54
C32 YMV C . 17.44 -5.12 -11.17
C33 YMV C . 16.36 -6.84 -8.00
C34 YMV C . 15.63 -8.14 -7.65
N03 YMV C . 12.05 -11.02 -7.24
N10 YMV C . 10.46 -11.17 -3.92
N15 YMV C . 13.05 -6.95 -1.92
O01 YMV C . 11.90 -8.80 -6.70
O18 YMV C . 10.78 -6.79 -2.16
O20 YMV C . 10.18 -12.02 -0.39
O21 YMV C . 12.59 -11.48 -4.70
O22 YMV C . 13.70 -9.42 -7.92
#